data_4RTQ
#
_entry.id   4RTQ
#
_cell.length_a   44.009
_cell.length_b   62.918
_cell.length_c   136.642
_cell.angle_alpha   90.00
_cell.angle_beta   90.00
_cell.angle_gamma   90.00
#
_symmetry.space_group_name_H-M   'P 21 21 21'
#
loop_
_entity.id
_entity.type
_entity.pdbx_description
1 polymer 'DNA adenine methylase'
2 polymer "DNA (5'-D(*AP*CP*TP*TP*AP*AP*AP*CP*TP*TP*AP*A)-3')"
3 polymer "DNA (5'-D(*TP*TP*TP*AP*AP*GP*TP*TP*TP*AP*AP*G)-3')"
4 non-polymer S-ADENOSYL-L-HOMOCYSTEINE
5 non-polymer 1,2-ETHANEDIOL
6 water water
#
loop_
_entity_poly.entity_id
_entity_poly.type
_entity_poly.pdbx_seq_one_letter_code
_entity_poly.pdbx_strand_id
1 'polypeptide(L)'
;MGSSHHHHHHSSGLVPRGSHMKKNRAFLKWAGGKYPLLDDIKRHLPKGECLVEPFVGAGSVFLNTDFSRYILADINSDLI
SLYNIVKMRTDEYVQAARELFVPETNCAEVYYQFREEFNKSQDPFRRAVLFLYLNRYGYNGLCRYNLRGEFNVPFGRYKK
PYFPEAELYHFAEKAQNAFFYCESYADSMARADDSSVVYCDPPYAPLSATANFTAYHTNSFTLEQQAHLAEIAEGLVERH
IPVLISNHDTMLTREWYQRAKLHVVKVRRSISSNGGTRKKVDELLALYKPGVVSPAKK
;
A
2 'polydeoxyribonucleotide' (DA)(DC)(DT)(DT)(DA)(DA)(DA)(DC)(DT)(DT)(DA)(DA) F
3 'polydeoxyribonucleotide' (DT)(DT)(DT)(DA)(DA)(DG)(DT)(DT)(DT)(DA)(DA)(DG) G
#
# COMPACT_ATOMS: atom_id res chain seq x y z
N LYS A 23 5.98 -4.88 16.15
CA LYS A 23 5.73 -4.27 14.86
C LYS A 23 4.46 -3.43 14.87
N ASN A 24 4.47 -2.33 14.13
CA ASN A 24 3.30 -1.46 14.01
C ASN A 24 2.39 -1.96 12.89
N ARG A 25 1.10 -2.03 13.17
CA ARG A 25 0.14 -2.53 12.18
C ARG A 25 -0.49 -1.41 11.38
N ALA A 26 -0.79 -1.68 10.12
CA ALA A 26 -1.55 -0.75 9.30
C ALA A 26 -2.99 -0.70 9.81
N PHE A 27 -3.69 0.39 9.55
CA PHE A 27 -5.07 0.47 10.02
C PHE A 27 -6.02 -0.14 8.99
N LEU A 28 -5.52 -0.42 7.80
CA LEU A 28 -6.32 -1.08 6.78
C LEU A 28 -6.01 -2.56 6.64
N LYS A 29 -7.05 -3.36 6.43
CA LYS A 29 -6.88 -4.69 5.87
C LYS A 29 -6.47 -4.53 4.41
N TRP A 30 -5.41 -5.19 3.99
CA TRP A 30 -4.90 -5.00 2.64
C TRP A 30 -3.95 -6.13 2.26
N ALA A 31 -3.89 -6.43 0.96
CA ALA A 31 -2.88 -7.35 0.47
C ALA A 31 -1.51 -6.71 0.62
N GLY A 32 -0.47 -7.54 0.70
CA GLY A 32 0.88 -7.02 0.81
C GLY A 32 1.32 -6.74 2.23
N GLY A 33 0.45 -7.00 3.19
CA GLY A 33 0.83 -6.97 4.59
C GLY A 33 1.94 -7.99 4.78
N LYS A 34 3.14 -7.51 5.05
CA LYS A 34 4.31 -8.38 5.04
C LYS A 34 5.07 -8.38 6.36
N TYR A 35 4.33 -8.52 7.46
CA TYR A 35 4.94 -8.56 8.79
C TYR A 35 5.96 -9.68 8.97
N PRO A 36 5.71 -10.88 8.40
CA PRO A 36 6.81 -11.85 8.42
C PRO A 36 7.97 -11.42 7.52
N LEU A 37 7.66 -10.79 6.40
CA LEU A 37 8.69 -10.36 5.45
C LEU A 37 9.31 -9.03 5.85
N LEU A 38 8.68 -8.33 6.80
CA LEU A 38 9.15 -7.01 7.22
C LEU A 38 10.60 -7.05 7.72
N ASP A 39 10.90 -8.04 8.56
CA ASP A 39 12.25 -8.17 9.09
C ASP A 39 13.24 -8.46 7.96
N ASP A 40 12.79 -9.17 6.94
CA ASP A 40 13.64 -9.50 5.80
C ASP A 40 13.81 -8.30 4.89
N ILE A 41 12.73 -7.57 4.66
CA ILE A 41 12.76 -6.36 3.84
C ILE A 41 13.72 -5.34 4.45
N LYS A 42 13.59 -5.10 5.75
CA LYS A 42 14.44 -4.14 6.44
C LYS A 42 15.90 -4.59 6.45
N ARG A 43 16.12 -5.89 6.42
CA ARG A 43 17.47 -6.45 6.38
C ARG A 43 18.20 -6.07 5.11
N HIS A 44 17.45 -5.85 4.03
CA HIS A 44 18.04 -5.57 2.73
C HIS A 44 17.72 -4.17 2.21
N LEU A 45 16.98 -3.40 3.01
CA LEU A 45 16.65 -2.02 2.64
C LEU A 45 17.79 -1.08 3.06
N PRO A 46 18.45 -0.45 2.08
CA PRO A 46 19.56 0.47 2.34
C PRO A 46 19.11 1.72 3.10
N LYS A 47 20.04 2.34 3.81
CA LYS A 47 19.75 3.59 4.51
C LYS A 47 19.72 4.77 3.55
N GLY A 48 18.93 5.79 3.89
CA GLY A 48 18.85 6.99 3.09
C GLY A 48 18.00 8.03 3.77
N GLU A 49 17.91 9.21 3.17
CA GLU A 49 17.11 10.29 3.74
C GLU A 49 15.62 10.09 3.48
N CYS A 50 15.31 9.57 2.30
CA CYS A 50 13.92 9.49 1.86
C CYS A 50 13.58 8.11 1.29
N LEU A 51 12.46 7.55 1.73
CA LEU A 51 11.97 6.30 1.14
C LEU A 51 10.84 6.57 0.16
N VAL A 52 10.99 6.08 -1.06
CA VAL A 52 9.95 6.16 -2.07
C VAL A 52 9.24 4.82 -2.20
N GLU A 53 7.93 4.81 -2.01
CA GLU A 53 7.13 3.59 -2.19
C GLU A 53 6.09 3.80 -3.30
N PRO A 54 6.36 3.28 -4.50
CA PRO A 54 5.45 3.43 -5.64
C PRO A 54 4.16 2.61 -5.51
N PHE A 55 4.18 1.58 -4.67
CA PHE A 55 3.00 0.76 -4.43
C PHE A 55 2.71 0.68 -2.94
N VAL A 56 2.37 1.80 -2.32
CA VAL A 56 2.38 1.86 -0.86
C VAL A 56 1.38 0.91 -0.19
N GLY A 57 0.21 0.72 -0.81
CA GLY A 57 -0.81 -0.13 -0.22
C GLY A 57 -1.17 0.30 1.19
N ALA A 58 -1.15 -0.65 2.13
CA ALA A 58 -1.47 -0.38 3.53
C ALA A 58 -0.34 0.34 4.27
N GLY A 59 0.85 0.36 3.66
CA GLY A 59 1.96 1.12 4.21
C GLY A 59 2.73 0.46 5.34
N SER A 60 2.78 -0.88 5.33
CA SER A 60 3.44 -1.62 6.41
C SER A 60 4.93 -1.27 6.54
N VAL A 61 5.59 -1.04 5.41
CA VAL A 61 7.02 -0.73 5.43
C VAL A 61 7.26 0.69 5.93
N PHE A 62 6.48 1.62 5.40
CA PHE A 62 6.48 3.01 5.86
C PHE A 62 6.30 3.08 7.38
N LEU A 63 5.35 2.31 7.89
CA LEU A 63 5.02 2.33 9.32
C LEU A 63 6.07 1.65 10.21
N ASN A 64 6.97 0.87 9.61
CA ASN A 64 7.95 0.14 10.38
C ASN A 64 9.38 0.44 9.99
N THR A 65 9.60 1.63 9.44
CA THR A 65 10.94 2.13 9.14
C THR A 65 11.09 3.52 9.72
N ASP A 66 12.30 4.07 9.67
CA ASP A 66 12.55 5.37 10.28
C ASP A 66 13.31 6.31 9.33
N PHE A 67 12.78 6.47 8.12
CA PHE A 67 13.34 7.46 7.19
C PHE A 67 12.90 8.85 7.62
N SER A 68 13.74 9.85 7.33
CA SER A 68 13.42 11.21 7.74
C SER A 68 12.21 11.74 6.98
N ARG A 69 12.03 11.26 5.75
CA ARG A 69 10.85 11.62 4.97
C ARG A 69 10.46 10.50 4.02
N TYR A 70 9.21 10.53 3.56
CA TYR A 70 8.66 9.50 2.70
C TYR A 70 7.92 10.09 1.51
N ILE A 71 8.03 9.42 0.36
CA ILE A 71 7.17 9.69 -0.78
C ILE A 71 6.37 8.43 -1.07
N LEU A 72 5.06 8.48 -0.84
CA LEU A 72 4.22 7.30 -0.86
C LEU A 72 3.16 7.43 -1.94
N ALA A 73 3.09 6.45 -2.83
CA ALA A 73 2.20 6.57 -3.97
C ALA A 73 1.46 5.27 -4.25
N ASP A 74 0.35 5.39 -4.97
CA ASP A 74 -0.51 4.26 -5.30
C ASP A 74 -1.48 4.71 -6.39
N ILE A 75 -1.90 3.79 -7.24
CA ILE A 75 -2.82 4.13 -8.30
C ILE A 75 -4.26 4.28 -7.76
N ASN A 76 -4.49 3.75 -6.56
CA ASN A 76 -5.82 3.80 -5.94
C ASN A 76 -6.09 5.18 -5.35
N SER A 77 -7.02 5.91 -5.97
CA SER A 77 -7.29 7.30 -5.57
C SER A 77 -8.02 7.41 -4.23
N ASP A 78 -8.89 6.45 -3.92
CA ASP A 78 -9.57 6.44 -2.62
C ASP A 78 -8.59 6.24 -1.49
N LEU A 79 -7.60 5.39 -1.74
CA LEU A 79 -6.56 5.09 -0.76
C LEU A 79 -5.75 6.35 -0.44
N ILE A 80 -5.30 7.03 -1.48
CA ILE A 80 -4.47 8.22 -1.32
C ILE A 80 -5.26 9.37 -0.71
N SER A 81 -6.52 9.52 -1.11
CA SER A 81 -7.38 10.53 -0.51
C SER A 81 -7.55 10.28 0.99
N LEU A 82 -7.84 9.04 1.33
CA LEU A 82 -7.99 8.64 2.73
C LEU A 82 -6.76 8.98 3.56
N TYR A 83 -5.57 8.70 3.01
CA TYR A 83 -4.33 8.89 3.76
C TYR A 83 -4.07 10.36 4.11
N ASN A 84 -4.38 11.27 3.19
CA ASN A 84 -4.16 12.67 3.47
C ASN A 84 -5.22 13.23 4.42
N ILE A 85 -6.41 12.65 4.39
CA ILE A 85 -7.47 13.04 5.32
C ILE A 85 -7.12 12.59 6.74
N VAL A 86 -6.64 11.36 6.87
CA VAL A 86 -6.20 10.86 8.17
C VAL A 86 -5.03 11.70 8.69
N LYS A 87 -4.14 12.08 7.79
CA LYS A 87 -2.99 12.91 8.16
C LYS A 87 -3.40 14.30 8.64
N MET A 88 -4.27 14.96 7.89
CA MET A 88 -4.58 16.38 8.13
C MET A 88 -5.76 16.62 9.07
N ARG A 89 -6.68 15.67 9.14
CA ARG A 89 -7.91 15.87 9.91
C ARG A 89 -8.14 14.71 10.88
N THR A 90 -7.09 14.38 11.64
CA THR A 90 -7.03 13.13 12.38
C THR A 90 -8.15 12.94 13.40
N ASP A 91 -8.28 13.87 14.35
CA ASP A 91 -9.30 13.74 15.39
C ASP A 91 -10.70 13.74 14.82
N GLU A 92 -10.92 14.62 13.85
CA GLU A 92 -12.21 14.71 13.16
C GLU A 92 -12.55 13.39 12.47
N TYR A 93 -11.54 12.82 11.80
CA TYR A 93 -11.76 11.57 11.08
C TYR A 93 -12.06 10.42 12.04
N VAL A 94 -11.25 10.28 13.08
CA VAL A 94 -11.41 9.19 14.03
C VAL A 94 -12.80 9.23 14.68
N GLN A 95 -13.24 10.42 15.06
CA GLN A 95 -14.56 10.57 15.69
C GLN A 95 -15.69 10.16 14.74
N ALA A 96 -15.56 10.54 13.48
CA ALA A 96 -16.57 10.22 12.48
C ALA A 96 -16.59 8.73 12.14
N ALA A 97 -15.40 8.14 11.96
CA ALA A 97 -15.31 6.74 11.59
C ALA A 97 -15.77 5.83 12.72
N ARG A 98 -15.43 6.21 13.95
CA ARG A 98 -15.77 5.39 15.11
C ARG A 98 -17.29 5.19 15.25
N GLU A 99 -18.07 6.15 14.76
CA GLU A 99 -19.52 6.08 14.85
C GLU A 99 -20.10 4.94 14.00
N LEU A 100 -19.36 4.50 13.01
CA LEU A 100 -19.78 3.42 12.17
C LEU A 100 -19.42 2.03 12.70
N PHE A 101 -18.51 1.94 13.64
CA PHE A 101 -18.14 0.69 14.24
C PHE A 101 -18.94 0.34 15.49
N VAL A 102 -20.21 0.11 15.28
CA VAL A 102 -21.15 -0.23 16.32
C VAL A 102 -21.94 -1.44 15.87
N PRO A 103 -22.56 -2.14 16.92
CA PRO A 103 -23.24 -3.37 16.50
C PRO A 103 -24.35 -3.16 15.51
N GLU A 104 -25.04 -2.05 15.55
CA GLU A 104 -26.13 -1.80 14.65
C GLU A 104 -25.72 -1.74 13.18
N THR A 105 -24.48 -1.48 12.87
CA THR A 105 -24.03 -1.42 11.48
C THR A 105 -23.54 -2.76 10.95
N ASN A 106 -23.49 -3.77 11.82
CA ASN A 106 -23.00 -5.08 11.41
C ASN A 106 -24.12 -5.97 10.87
N CYS A 107 -24.72 -5.57 9.77
CA CYS A 107 -25.69 -6.41 9.09
C CYS A 107 -25.68 -6.06 7.62
N ALA A 108 -26.10 -7.01 6.78
CA ALA A 108 -25.95 -6.89 5.34
C ALA A 108 -26.70 -5.68 4.79
N GLU A 109 -27.91 -5.46 5.29
CA GLU A 109 -28.75 -4.40 4.77
C GLU A 109 -28.12 -3.04 5.00
N VAL A 110 -27.59 -2.83 6.20
CA VAL A 110 -26.89 -1.58 6.50
C VAL A 110 -25.61 -1.48 5.68
N TYR A 111 -24.85 -2.57 5.59
CA TYR A 111 -23.60 -2.56 4.83
C TYR A 111 -23.81 -2.14 3.37
N TYR A 112 -24.81 -2.73 2.72
CA TYR A 112 -25.01 -2.46 1.30
C TYR A 112 -25.51 -1.03 1.08
N GLN A 113 -26.17 -0.46 2.08
CA GLN A 113 -26.57 0.94 1.97
C GLN A 113 -25.39 1.90 2.14
N PHE A 114 -24.51 1.61 3.08
CA PHE A 114 -23.29 2.41 3.24
C PHE A 114 -22.42 2.31 1.98
N ARG A 115 -22.43 1.14 1.35
CA ARG A 115 -21.68 0.93 0.12
C ARG A 115 -22.26 1.80 -0.98
N GLU A 116 -23.59 1.87 -1.04
CA GLU A 116 -24.26 2.74 -2.00
C GLU A 116 -23.99 4.21 -1.71
N GLU A 117 -24.01 4.58 -0.43
CA GLU A 117 -23.71 5.96 -0.05
C GLU A 117 -22.30 6.35 -0.48
N PHE A 118 -21.35 5.44 -0.28
CA PHE A 118 -19.96 5.65 -0.70
C PHE A 118 -19.87 5.89 -2.20
N ASN A 119 -20.51 5.02 -2.97
CA ASN A 119 -20.46 5.10 -4.43
C ASN A 119 -21.16 6.32 -5.00
N LYS A 120 -22.13 6.85 -4.26
CA LYS A 120 -22.88 8.01 -4.72
C LYS A 120 -22.32 9.32 -4.16
N SER A 121 -21.42 9.23 -3.19
CA SER A 121 -20.88 10.42 -2.56
C SER A 121 -19.81 11.08 -3.42
N GLN A 122 -19.76 12.40 -3.37
CA GLN A 122 -18.71 13.16 -4.04
C GLN A 122 -17.90 13.96 -3.02
N ASP A 123 -18.06 13.61 -1.75
CA ASP A 123 -17.34 14.28 -0.67
C ASP A 123 -16.20 13.41 -0.17
N PRO A 124 -14.96 13.87 -0.37
CA PRO A 124 -13.76 13.11 0.01
C PRO A 124 -13.76 12.68 1.48
N PHE A 125 -14.19 13.56 2.38
CA PHE A 125 -14.19 13.21 3.80
C PHE A 125 -15.18 12.09 4.09
N ARG A 126 -16.42 12.23 3.64
CA ARG A 126 -17.42 11.19 3.88
C ARG A 126 -17.00 9.88 3.21
N ARG A 127 -16.44 9.97 2.01
CA ARG A 127 -15.97 8.77 1.33
C ARG A 127 -14.85 8.10 2.13
N ALA A 128 -13.96 8.88 2.71
CA ALA A 128 -12.85 8.32 3.49
C ALA A 128 -13.35 7.62 4.76
N VAL A 129 -14.38 8.20 5.39
CA VAL A 129 -14.98 7.58 6.57
C VAL A 129 -15.61 6.24 6.20
N LEU A 130 -16.42 6.24 5.14
CA LEU A 130 -17.08 5.01 4.69
C LEU A 130 -16.08 3.97 4.19
N PHE A 131 -14.96 4.44 3.63
CA PHE A 131 -13.96 3.54 3.08
C PHE A 131 -13.42 2.61 4.17
N LEU A 132 -13.21 3.17 5.36
CA LEU A 132 -12.72 2.38 6.48
C LEU A 132 -13.76 1.36 6.93
N TYR A 133 -15.01 1.79 7.01
CA TYR A 133 -16.10 0.87 7.35
C TYR A 133 -16.15 -0.27 6.33
N LEU A 134 -16.12 0.05 5.05
CA LEU A 134 -16.21 -0.97 4.00
C LEU A 134 -15.02 -1.94 4.05
N ASN A 135 -13.84 -1.40 4.38
CA ASN A 135 -12.64 -2.22 4.50
C ASN A 135 -12.74 -3.25 5.63
N ARG A 136 -13.40 -2.88 6.72
CA ARG A 136 -13.48 -3.75 7.90
C ARG A 136 -14.73 -4.62 7.95
N TYR A 137 -15.78 -4.20 7.24
CA TYR A 137 -17.05 -4.93 7.27
C TYR A 137 -17.28 -5.74 6.00
N GLY A 138 -16.53 -5.41 4.94
CA GLY A 138 -16.65 -6.11 3.68
C GLY A 138 -15.87 -7.41 3.68
N TYR A 139 -16.07 -8.22 2.65
CA TYR A 139 -15.45 -9.54 2.57
C TYR A 139 -13.93 -9.48 2.45
N ASN A 140 -13.25 -10.02 3.46
CA ASN A 140 -11.79 -10.23 3.45
C ASN A 140 -10.96 -8.99 3.16
N GLY A 141 -11.45 -7.82 3.58
CA GLY A 141 -10.73 -6.58 3.37
C GLY A 141 -10.47 -6.27 1.91
N LEU A 142 -11.28 -6.83 1.02
CA LEU A 142 -11.11 -6.61 -0.41
C LEU A 142 -11.41 -5.18 -0.80
N CYS A 143 -10.73 -4.72 -1.83
CA CYS A 143 -11.05 -3.43 -2.45
C CYS A 143 -11.22 -3.68 -3.93
N ARG A 144 -12.47 -3.86 -4.36
CA ARG A 144 -12.78 -4.23 -5.73
C ARG A 144 -13.74 -3.22 -6.33
N TYR A 145 -13.46 -2.77 -7.54
CA TYR A 145 -14.35 -1.84 -8.24
C TYR A 145 -14.80 -2.43 -9.56
N ASN A 146 -15.95 -2.00 -10.05
CA ASN A 146 -16.31 -2.28 -11.43
C ASN A 146 -15.67 -1.22 -12.32
N LEU A 147 -15.90 -1.32 -13.64
CA LEU A 147 -15.23 -0.42 -14.58
C LEU A 147 -15.72 1.01 -14.51
N ARG A 148 -16.80 1.21 -13.76
CA ARG A 148 -17.33 2.55 -13.55
C ARG A 148 -16.86 3.15 -12.24
N GLY A 149 -15.90 2.48 -11.61
CA GLY A 149 -15.29 2.99 -10.39
C GLY A 149 -16.12 2.77 -9.13
N GLU A 150 -17.13 1.92 -9.23
CA GLU A 150 -17.98 1.63 -8.06
C GLU A 150 -17.46 0.44 -7.26
N PHE A 151 -17.27 0.65 -5.97
CA PHE A 151 -16.90 -0.40 -5.01
C PHE A 151 -17.99 -1.47 -4.95
N ASN A 152 -17.64 -2.73 -5.19
CA ASN A 152 -18.67 -3.76 -5.22
C ASN A 152 -18.32 -5.02 -4.46
N VAL A 153 -17.60 -4.87 -3.35
CA VAL A 153 -17.29 -5.98 -2.46
C VAL A 153 -18.51 -6.32 -1.59
N PRO A 154 -18.84 -7.61 -1.47
CA PRO A 154 -20.01 -7.98 -0.66
C PRO A 154 -19.74 -7.90 0.85
N PHE A 155 -20.81 -8.03 1.63
CA PHE A 155 -20.76 -8.04 3.08
C PHE A 155 -19.87 -9.17 3.59
N GLY A 156 -19.06 -8.89 4.60
CA GLY A 156 -18.13 -9.87 5.13
C GLY A 156 -18.67 -10.82 6.18
N ARG A 157 -19.78 -10.44 6.82
CA ARG A 157 -20.44 -11.26 7.84
C ARG A 157 -19.52 -11.58 9.02
N TYR A 158 -18.71 -10.63 9.47
CA TYR A 158 -17.84 -10.83 10.59
C TYR A 158 -18.58 -10.75 11.91
N LYS A 159 -18.10 -11.41 12.93
CA LYS A 159 -18.69 -11.29 14.25
C LYS A 159 -18.53 -9.92 14.90
N LYS A 160 -17.33 -9.39 14.90
CA LYS A 160 -17.10 -8.12 15.53
C LYS A 160 -15.94 -7.41 14.89
N PRO A 161 -16.17 -6.59 13.88
CA PRO A 161 -14.98 -5.91 13.30
C PRO A 161 -14.24 -4.98 14.25
N TYR A 162 -12.93 -4.98 14.14
CA TYR A 162 -12.06 -4.17 14.98
C TYR A 162 -11.93 -2.74 14.45
N PHE A 163 -12.12 -1.76 15.32
CA PHE A 163 -11.88 -0.37 14.95
C PHE A 163 -10.44 0.01 15.27
N PRO A 164 -9.63 0.24 14.23
CA PRO A 164 -8.19 0.45 14.40
C PRO A 164 -7.83 1.86 14.87
N GLU A 165 -8.34 2.26 16.02
CA GLU A 165 -8.12 3.62 16.53
C GLU A 165 -6.64 3.90 16.79
N ALA A 166 -5.97 2.98 17.48
CA ALA A 166 -4.55 3.16 17.79
C ALA A 166 -3.71 3.22 16.53
N GLU A 167 -4.03 2.36 15.57
CA GLU A 167 -3.31 2.31 14.30
C GLU A 167 -3.52 3.58 13.47
N LEU A 168 -4.71 4.16 13.57
CA LEU A 168 -5.02 5.41 12.87
C LEU A 168 -4.14 6.56 13.38
N TYR A 169 -4.07 6.70 14.70
CA TYR A 169 -3.29 7.77 15.30
C TYR A 169 -1.80 7.60 15.06
N HIS A 170 -1.33 6.35 15.06
CA HIS A 170 0.08 6.12 14.76
C HIS A 170 0.39 6.46 13.31
N PHE A 171 -0.54 6.12 12.41
CA PHE A 171 -0.38 6.44 11.00
C PHE A 171 -0.31 7.95 10.81
N ALA A 172 -1.22 8.68 11.46
CA ALA A 172 -1.27 10.12 11.32
C ALA A 172 0.03 10.77 11.82
N GLU A 173 0.56 10.26 12.91
CA GLU A 173 1.78 10.80 13.48
C GLU A 173 2.96 10.58 12.52
N LYS A 174 3.07 9.37 11.98
CA LYS A 174 4.14 9.06 11.03
C LYS A 174 3.97 9.83 9.72
N ALA A 175 2.72 10.10 9.35
CA ALA A 175 2.42 10.72 8.06
C ALA A 175 2.84 12.19 8.01
N GLN A 176 3.22 12.76 9.15
CA GLN A 176 3.63 14.15 9.18
C GLN A 176 4.91 14.37 8.37
N ASN A 177 5.63 13.28 8.10
CA ASN A 177 6.84 13.34 7.29
C ASN A 177 6.70 12.65 5.93
N ALA A 178 5.46 12.42 5.51
CA ALA A 178 5.20 11.77 4.23
C ALA A 178 4.36 12.62 3.31
N PHE A 179 4.63 12.53 2.01
CA PHE A 179 3.75 13.09 0.99
C PHE A 179 3.10 11.93 0.23
N PHE A 180 1.81 12.06 -0.09
CA PHE A 180 1.07 11.00 -0.77
C PHE A 180 0.68 11.42 -2.17
N TYR A 181 0.84 10.53 -3.14
CA TYR A 181 0.52 10.85 -4.52
C TYR A 181 -0.30 9.74 -5.17
N CYS A 182 -1.37 10.11 -5.87
CA CYS A 182 -2.10 9.14 -6.67
C CYS A 182 -1.55 9.17 -8.09
N GLU A 183 -0.70 8.20 -8.42
CA GLU A 183 -0.08 8.12 -9.73
C GLU A 183 0.50 6.72 -9.91
N SER A 184 0.79 6.37 -11.16
CA SER A 184 1.37 5.06 -11.47
C SER A 184 2.86 5.02 -11.15
N TYR A 185 3.41 3.81 -11.02
CA TYR A 185 4.77 3.62 -10.52
C TYR A 185 5.86 4.40 -11.28
N ALA A 186 5.70 4.54 -12.59
CA ALA A 186 6.72 5.22 -13.39
C ALA A 186 6.86 6.67 -12.97
N ASP A 187 5.72 7.30 -12.66
CA ASP A 187 5.68 8.71 -12.28
C ASP A 187 6.22 8.95 -10.87
N SER A 188 5.92 8.06 -9.94
CA SER A 188 6.41 8.22 -8.57
C SER A 188 7.90 7.87 -8.46
N MET A 189 8.35 6.88 -9.22
CA MET A 189 9.76 6.53 -9.22
C MET A 189 10.62 7.64 -9.83
N ALA A 190 9.99 8.47 -10.67
CA ALA A 190 10.67 9.62 -11.25
C ALA A 190 10.92 10.71 -10.19
N ARG A 191 10.27 10.58 -9.04
CA ARG A 191 10.46 11.57 -7.97
C ARG A 191 11.70 11.29 -7.12
N ALA A 192 12.27 10.12 -7.29
CA ALA A 192 13.43 9.74 -6.53
C ALA A 192 14.64 10.55 -6.95
N ASP A 193 15.47 10.84 -5.98
CA ASP A 193 16.72 11.52 -6.22
C ASP A 193 17.87 10.82 -5.52
N ASP A 194 19.02 11.47 -5.51
CA ASP A 194 20.23 10.89 -4.99
C ASP A 194 20.15 10.53 -3.52
N SER A 195 19.34 11.23 -2.75
CA SER A 195 19.17 10.88 -1.36
C SER A 195 18.02 9.87 -1.09
N SER A 196 17.47 9.28 -2.13
CA SER A 196 16.31 8.43 -1.97
C SER A 196 16.67 6.95 -1.95
N VAL A 197 15.81 6.17 -1.31
CA VAL A 197 15.80 4.72 -1.43
C VAL A 197 14.41 4.33 -1.91
N VAL A 198 14.33 3.39 -2.85
CA VAL A 198 13.03 3.01 -3.40
C VAL A 198 12.68 1.58 -3.06
N TYR A 199 11.50 1.37 -2.48
CA TYR A 199 11.00 0.02 -2.25
C TYR A 199 9.72 -0.23 -3.04
N CYS A 200 9.75 -1.28 -3.85
CA CYS A 200 8.62 -1.63 -4.71
C CYS A 200 7.95 -2.94 -4.28
N ASP A 201 6.65 -2.88 -4.04
CA ASP A 201 5.85 -4.06 -3.75
C ASP A 201 4.73 -4.18 -4.77
N PRO A 202 5.08 -4.54 -6.01
CA PRO A 202 4.08 -4.58 -7.09
C PRO A 202 3.06 -5.67 -6.86
N PRO A 203 1.91 -5.61 -7.54
CA PRO A 203 1.01 -6.77 -7.54
C PRO A 203 1.80 -8.01 -7.96
N TYR A 204 1.55 -9.13 -7.31
CA TYR A 204 2.34 -10.34 -7.49
C TYR A 204 2.36 -10.81 -8.95
N ALA A 205 3.52 -11.28 -9.38
CA ALA A 205 3.64 -11.97 -10.66
C ALA A 205 2.89 -13.29 -10.58
N PRO A 206 2.54 -13.87 -11.73
CA PRO A 206 1.89 -15.19 -11.72
C PRO A 206 2.71 -16.24 -10.98
N LEU A 207 2.04 -17.12 -10.24
CA LEU A 207 2.71 -18.20 -9.54
C LEU A 207 3.22 -19.25 -10.53
N SER A 208 2.35 -19.70 -11.41
CA SER A 208 2.70 -20.73 -12.38
C SER A 208 3.02 -20.13 -13.74
N ALA A 209 3.67 -20.91 -14.59
CA ALA A 209 4.01 -20.48 -15.94
C ALA A 209 3.15 -21.19 -16.97
N SER A 220 -5.81 -4.70 -14.48
CA SER A 220 -4.83 -5.42 -13.67
C SER A 220 -3.40 -5.02 -14.01
N PHE A 221 -2.45 -5.60 -13.29
CA PHE A 221 -1.03 -5.33 -13.50
C PHE A 221 -0.46 -6.34 -14.50
N THR A 222 -0.07 -5.87 -15.67
CA THR A 222 0.30 -6.76 -16.77
C THR A 222 1.75 -7.22 -16.70
N LEU A 223 2.05 -8.31 -17.42
CA LEU A 223 3.42 -8.83 -17.49
C LEU A 223 4.36 -7.78 -18.06
N GLU A 224 3.86 -6.99 -18.99
CA GLU A 224 4.65 -5.91 -19.59
C GLU A 224 5.00 -4.85 -18.55
N GLN A 225 4.06 -4.59 -17.64
CA GLN A 225 4.29 -3.63 -16.58
C GLN A 225 5.30 -4.17 -15.58
N GLN A 226 5.24 -5.47 -15.31
CA GLN A 226 6.21 -6.13 -14.44
C GLN A 226 7.63 -5.95 -14.98
N ALA A 227 7.81 -6.21 -16.28
CA ALA A 227 9.11 -6.06 -16.92
C ALA A 227 9.53 -4.59 -16.95
N HIS A 228 8.58 -3.71 -17.18
CA HIS A 228 8.83 -2.29 -17.26
C HIS A 228 9.33 -1.74 -15.92
N LEU A 229 8.78 -2.26 -14.83
CA LEU A 229 9.19 -1.85 -13.49
C LEU A 229 10.67 -2.13 -13.27
N ALA A 230 11.09 -3.31 -13.70
CA ALA A 230 12.50 -3.70 -13.60
C ALA A 230 13.38 -2.78 -14.43
N GLU A 231 12.90 -2.38 -15.61
CA GLU A 231 13.65 -1.49 -16.49
C GLU A 231 13.85 -0.13 -15.83
N ILE A 232 12.81 0.35 -15.14
CA ILE A 232 12.93 1.62 -14.43
C ILE A 232 13.93 1.51 -13.28
N ALA A 233 13.89 0.38 -12.58
CA ALA A 233 14.82 0.13 -11.48
C ALA A 233 16.27 0.16 -11.97
N GLU A 234 16.51 -0.44 -13.13
CA GLU A 234 17.84 -0.45 -13.73
C GLU A 234 18.30 0.96 -14.08
N GLY A 235 17.35 1.80 -14.50
CA GLY A 235 17.67 3.19 -14.79
C GLY A 235 18.02 3.97 -13.54
N LEU A 236 17.30 3.69 -12.46
CA LEU A 236 17.53 4.36 -11.18
C LEU A 236 18.89 4.00 -10.58
N VAL A 237 19.22 2.71 -10.57
CA VAL A 237 20.45 2.26 -9.95
C VAL A 237 21.66 2.78 -10.72
N GLU A 238 21.47 3.11 -12.00
CA GLU A 238 22.54 3.69 -12.80
C GLU A 238 22.79 5.13 -12.34
N ARG A 239 21.76 5.75 -11.79
CA ARG A 239 21.87 7.10 -11.24
C ARG A 239 22.18 7.06 -9.75
N HIS A 240 22.72 5.92 -9.30
CA HIS A 240 23.11 5.71 -7.91
C HIS A 240 21.93 5.85 -6.94
N ILE A 241 20.78 5.36 -7.38
CA ILE A 241 19.60 5.27 -6.52
C ILE A 241 19.24 3.81 -6.28
N PRO A 242 19.41 3.35 -5.02
CA PRO A 242 19.12 1.97 -4.63
C PRO A 242 17.62 1.63 -4.72
N VAL A 243 17.33 0.46 -5.28
CA VAL A 243 15.95 0.01 -5.44
C VAL A 243 15.80 -1.41 -4.92
N LEU A 244 14.79 -1.63 -4.08
CA LEU A 244 14.49 -2.98 -3.59
C LEU A 244 13.10 -3.39 -4.08
N ILE A 245 13.01 -4.56 -4.68
CA ILE A 245 11.74 -5.07 -5.19
C ILE A 245 11.41 -6.42 -4.58
N SER A 246 10.17 -6.57 -4.13
CA SER A 246 9.71 -7.85 -3.61
C SER A 246 8.72 -8.48 -4.57
N ASN A 247 8.79 -9.80 -4.73
CA ASN A 247 7.88 -10.51 -5.61
C ASN A 247 7.96 -12.00 -5.34
N HIS A 248 7.16 -12.80 -6.04
CA HIS A 248 7.29 -14.25 -6.00
C HIS A 248 8.62 -14.66 -6.62
N ASP A 249 9.13 -15.81 -6.20
CA ASP A 249 10.36 -16.35 -6.77
C ASP A 249 10.03 -17.33 -7.89
N THR A 250 10.01 -16.83 -9.12
CA THR A 250 9.74 -17.65 -10.29
C THR A 250 10.82 -17.46 -11.34
N MET A 251 10.79 -18.31 -12.37
CA MET A 251 11.74 -18.20 -13.47
C MET A 251 11.58 -16.86 -14.18
N LEU A 252 10.36 -16.35 -14.22
CA LEU A 252 10.08 -15.10 -14.91
C LEU A 252 10.57 -13.89 -14.13
N THR A 253 10.35 -13.89 -12.81
CA THR A 253 10.82 -12.78 -11.99
C THR A 253 12.33 -12.75 -11.92
N ARG A 254 12.95 -13.92 -11.99
CA ARG A 254 14.41 -14.00 -11.99
C ARG A 254 14.98 -13.44 -13.29
N GLU A 255 14.21 -13.58 -14.37
CA GLU A 255 14.61 -13.02 -15.66
C GLU A 255 14.44 -11.49 -15.67
N TRP A 256 13.33 -11.03 -15.08
CA TRP A 256 13.08 -9.60 -14.98
C TRP A 256 14.13 -8.90 -14.13
N TYR A 257 14.43 -9.49 -12.98
CA TYR A 257 15.31 -8.87 -12.00
C TYR A 257 16.75 -9.39 -12.10
N GLN A 258 17.13 -9.84 -13.29
CA GLN A 258 18.40 -10.53 -13.46
C GLN A 258 19.62 -9.67 -13.19
N ARG A 259 19.45 -8.36 -13.21
CA ARG A 259 20.57 -7.45 -12.97
C ARG A 259 20.66 -7.01 -11.50
N ALA A 260 19.79 -7.58 -10.67
CA ALA A 260 19.78 -7.27 -9.25
C ALA A 260 20.48 -8.36 -8.44
N LYS A 261 20.78 -8.08 -7.18
CA LYS A 261 21.23 -9.09 -6.25
C LYS A 261 20.01 -9.78 -5.65
N LEU A 262 19.89 -11.08 -5.87
CA LEU A 262 18.66 -11.79 -5.51
C LEU A 262 18.76 -12.53 -4.18
N HIS A 263 17.76 -12.31 -3.33
CA HIS A 263 17.70 -12.99 -2.04
C HIS A 263 16.36 -13.72 -1.90
N VAL A 264 16.43 -14.98 -1.49
CA VAL A 264 15.21 -15.77 -1.33
C VAL A 264 14.78 -15.82 0.14
N VAL A 265 13.52 -15.50 0.40
CA VAL A 265 12.99 -15.50 1.76
C VAL A 265 12.12 -16.75 1.99
N LYS A 266 12.35 -17.41 3.13
CA LYS A 266 11.63 -18.62 3.52
C LYS A 266 11.76 -19.72 2.48
N VAL A 281 5.32 -21.33 -2.60
CA VAL A 281 6.29 -20.51 -3.32
C VAL A 281 6.99 -19.55 -2.37
N ASP A 282 8.30 -19.38 -2.58
CA ASP A 282 9.09 -18.49 -1.75
C ASP A 282 8.97 -17.05 -2.20
N GLU A 283 9.44 -16.13 -1.36
CA GLU A 283 9.43 -14.71 -1.68
C GLU A 283 10.81 -14.27 -2.18
N LEU A 284 10.83 -13.47 -3.23
CA LEU A 284 12.08 -12.99 -3.81
C LEU A 284 12.29 -11.51 -3.49
N LEU A 285 13.48 -11.17 -3.00
CA LEU A 285 13.85 -9.78 -2.80
C LEU A 285 14.95 -9.40 -3.79
N ALA A 286 14.66 -8.48 -4.69
CA ALA A 286 15.62 -8.06 -5.70
C ALA A 286 16.24 -6.72 -5.34
N LEU A 287 17.50 -6.72 -4.94
CA LEU A 287 18.17 -5.50 -4.54
C LEU A 287 19.04 -4.93 -5.65
N TYR A 288 18.67 -3.75 -6.13
CA TYR A 288 19.52 -3.04 -7.08
C TYR A 288 20.43 -2.09 -6.30
N LYS A 289 21.68 -2.48 -6.16
CA LYS A 289 22.64 -1.77 -5.32
C LYS A 289 23.64 -1.02 -6.19
N PRO A 290 23.70 0.31 -6.04
CA PRO A 290 24.64 1.11 -6.83
C PRO A 290 26.10 0.82 -6.51
N GLY A 291 26.97 0.88 -7.52
CA GLY A 291 28.38 0.68 -7.31
C GLY A 291 29.03 1.93 -6.75
N VAL A 292 30.33 2.07 -6.97
CA VAL A 292 31.06 3.25 -6.50
C VAL A 292 31.70 3.99 -7.66
#